data_6JV6
#
_entry.id   6JV6
#
_cell.length_a   75.669
_cell.length_b   75.669
_cell.length_c   82.419
_cell.angle_alpha   90.00
_cell.angle_beta   90.00
_cell.angle_gamma   120.00
#
_symmetry.space_group_name_H-M   'P 32 2 1'
#
loop_
_entity.id
_entity.type
_entity.pdbx_description
1 polymer 'Sirohydrochlorin ferrochelatase'
2 non-polymer 'COBALT (II) ION'
3 water water
#
_entity_poly.entity_id   1
_entity_poly.type   'polypeptide(L)'
_entity_poly.pdbx_seq_one_letter_code
;GSAKDPMKQAILYVGHGSRVKKAQQEAAAFLEGCKAHVSAPVQEISFLELQEPTIETGFEACVKQGATHIAVVPLLLLTA
AHAKHDIPEEIARAASRYPSIRISYGKPIGIDEEVVKAVYHRMKDIGVPYENARVVLIGRGSSDPDVKRDVTGIANLLQN
MIPVKEVIPCFLTACGPNYKEVLSELKKDDGVTTFVVPYLLFTGMLMNEIEREVQTLKADNPNVYLSSYIGFHPHVKNAF
LNRVRETAENPEGQFDFDGGSYAPAAH
;
_entity_poly.pdbx_strand_id   A
#
loop_
_chem_comp.id
_chem_comp.type
_chem_comp.name
_chem_comp.formula
CO non-polymer 'COBALT (II) ION' 'Co 2'
#
# COMPACT_ATOMS: atom_id res chain seq x y z
N MET A 7 12.72 7.27 26.85
CA MET A 7 12.04 7.14 25.49
C MET A 7 11.89 5.67 25.12
N LYS A 8 10.76 5.32 24.51
CA LYS A 8 10.55 3.95 24.03
C LYS A 8 9.61 4.00 22.85
N GLN A 9 10.17 3.78 21.67
CA GLN A 9 9.47 3.98 20.42
C GLN A 9 8.66 2.76 20.09
N ALA A 10 7.46 2.99 19.58
CA ALA A 10 6.62 1.92 19.04
C ALA A 10 6.23 2.27 17.62
N ILE A 11 6.02 1.24 16.81
CA ILE A 11 5.42 1.37 15.52
C ILE A 11 4.09 0.67 15.57
N LEU A 12 3.04 1.35 15.13
CA LEU A 12 1.75 0.73 14.91
C LEU A 12 1.53 0.67 13.42
N TYR A 13 1.52 -0.55 12.89
CA TYR A 13 1.28 -0.75 11.47
C TYR A 13 -0.21 -0.83 11.25
N VAL A 14 -0.74 -0.14 10.22
CA VAL A 14 -2.19 -0.21 9.96
C VAL A 14 -2.39 -0.72 8.55
N GLY A 15 -2.87 -1.94 8.43
CA GLY A 15 -3.21 -2.47 7.14
C GLY A 15 -4.64 -2.14 6.84
N HIS A 16 -5.05 -2.39 5.60
CA HIS A 16 -6.44 -2.21 5.23
C HIS A 16 -7.32 -3.29 5.90
N GLY A 17 -6.88 -4.52 5.80
CA GLY A 17 -7.66 -5.63 6.31
C GLY A 17 -8.45 -6.22 5.17
N SER A 18 -8.80 -7.51 5.31
CA SER A 18 -9.47 -8.22 4.26
C SER A 18 -10.24 -9.43 4.79
N ARG A 19 -11.24 -9.83 4.01
CA ARG A 19 -12.02 -11.04 4.27
C ARG A 19 -11.29 -12.25 3.71
N VAL A 20 -10.47 -12.04 2.67
CA VAL A 20 -9.95 -13.16 1.89
C VAL A 20 -8.79 -13.76 2.69
N LYS A 21 -8.90 -15.08 2.94
CA LYS A 21 -7.93 -15.81 3.75
C LYS A 21 -6.49 -15.56 3.30
N LYS A 22 -6.24 -15.71 2.01
CA LYS A 22 -4.91 -15.59 1.47
C LYS A 22 -4.38 -14.19 1.75
N ALA A 23 -5.23 -13.18 1.59
CA ALA A 23 -4.86 -11.79 1.75
C ALA A 23 -4.55 -11.50 3.22
N GLN A 24 -5.38 -12.01 4.12
CA GLN A 24 -5.09 -11.92 5.56
C GLN A 24 -3.73 -12.51 5.83
N GLN A 25 -3.41 -13.65 5.22
CA GLN A 25 -2.14 -14.29 5.47
C GLN A 25 -0.98 -13.48 4.89
N GLU A 26 -1.12 -12.99 3.66
CA GLU A 26 -0.07 -12.22 3.00
C GLU A 26 0.22 -10.96 3.83
N ALA A 27 -0.82 -10.25 4.24
CA ALA A 27 -0.64 -9.01 4.99
C ALA A 27 -0.01 -9.25 6.36
N ALA A 28 -0.47 -10.27 7.08
CA ALA A 28 0.02 -10.55 8.45
C ALA A 28 1.49 -11.07 8.43
N ALA A 29 1.80 -11.97 7.52
CA ALA A 29 3.19 -12.38 7.31
C ALA A 29 4.08 -11.20 6.85
N PHE A 30 3.52 -10.33 6.03
CA PHE A 30 4.29 -9.22 5.57
C PHE A 30 4.63 -8.33 6.75
N LEU A 31 3.62 -7.95 7.53
CA LEU A 31 3.90 -7.03 8.65
C LEU A 31 4.75 -7.68 9.74
N GLU A 32 4.60 -8.99 9.96
CA GLU A 32 5.45 -9.68 10.90
C GLU A 32 6.87 -9.75 10.40
N GLY A 33 7.04 -9.97 9.10
CA GLY A 33 8.35 -9.89 8.48
C GLY A 33 9.00 -8.52 8.63
N CYS A 34 8.24 -7.42 8.58
CA CYS A 34 8.81 -6.06 8.72
C CYS A 34 9.45 -5.83 10.09
N LYS A 35 8.96 -6.54 11.11
CA LYS A 35 9.35 -6.23 12.47
C LYS A 35 10.85 -6.45 12.67
N ALA A 36 11.36 -7.52 12.08
CA ALA A 36 12.78 -7.83 12.19
C ALA A 36 13.65 -6.81 11.43
N HIS A 37 13.03 -5.93 10.64
CA HIS A 37 13.80 -4.98 9.83
C HIS A 37 13.70 -3.55 10.38
N VAL A 38 13.07 -3.39 11.55
CA VAL A 38 12.85 -2.07 12.11
C VAL A 38 13.34 -2.03 13.52
N SER A 39 14.01 -0.94 13.89
CA SER A 39 14.75 -0.96 15.15
C SER A 39 13.92 -0.78 16.43
N ALA A 40 12.65 -0.41 16.31
CA ALA A 40 11.78 -0.09 17.46
C ALA A 40 11.52 -1.29 18.36
N PRO A 41 11.53 -1.09 19.70
CA PRO A 41 11.30 -2.21 20.61
C PRO A 41 9.86 -2.70 20.75
N VAL A 42 8.88 -1.87 20.36
CA VAL A 42 7.46 -2.21 20.43
C VAL A 42 6.90 -2.07 19.03
N GLN A 43 6.33 -3.15 18.50
CA GLN A 43 5.78 -3.12 17.16
C GLN A 43 4.51 -3.94 17.13
N GLU A 44 3.46 -3.33 16.60
CA GLU A 44 2.15 -3.94 16.61
C GLU A 44 1.46 -3.74 15.28
N ILE A 45 0.64 -4.71 14.98
CA ILE A 45 -0.05 -4.81 13.74
C ILE A 45 -1.50 -4.47 14.06
N SER A 46 -2.16 -3.74 13.17
CA SER A 46 -3.60 -3.53 13.28
C SER A 46 -4.18 -3.37 11.89
N PHE A 47 -5.51 -3.45 11.80
CA PHE A 47 -6.20 -3.40 10.54
C PHE A 47 -7.41 -2.48 10.61
N LEU A 48 -7.64 -1.74 9.54
CA LEU A 48 -8.69 -0.76 9.53
C LEU A 48 -10.03 -1.49 9.53
N GLU A 49 -10.18 -2.51 8.69
CA GLU A 49 -11.47 -3.23 8.60
C GLU A 49 -11.33 -4.77 8.55
N LEU A 50 -12.38 -5.46 9.00
CA LEU A 50 -12.62 -6.90 8.80
C LEU A 50 -11.69 -7.87 9.56
N GLN A 51 -10.48 -7.42 9.87
CA GLN A 51 -9.44 -8.27 10.42
C GLN A 51 -9.06 -7.79 11.81
N GLU A 52 -8.72 -8.73 12.67
CA GLU A 52 -8.18 -8.39 13.97
C GLU A 52 -6.67 -8.43 13.93
N PRO A 53 -6.02 -7.62 14.76
CA PRO A 53 -6.57 -6.63 15.67
C PRO A 53 -6.97 -5.31 15.00
N THR A 54 -7.94 -4.64 15.61
CA THR A 54 -8.35 -3.31 15.23
C THR A 54 -7.25 -2.29 15.61
N ILE A 55 -7.40 -1.07 15.09
CA ILE A 55 -6.48 0.01 15.41
C ILE A 55 -6.53 0.32 16.94
N GLU A 56 -7.74 0.29 17.51
CA GLU A 56 -7.92 0.48 18.94
C GLU A 56 -7.08 -0.48 19.76
N THR A 57 -7.16 -1.77 19.41
CA THR A 57 -6.48 -2.82 20.15
C THR A 57 -4.97 -2.69 19.92
N GLY A 58 -4.58 -2.44 18.68
CA GLY A 58 -3.18 -2.29 18.32
C GLY A 58 -2.54 -1.12 19.04
N PHE A 59 -3.22 0.03 19.06
CA PHE A 59 -2.73 1.18 19.79
C PHE A 59 -2.58 0.88 21.28
N GLU A 60 -3.58 0.22 21.84
CA GLU A 60 -3.56 -0.17 23.24
C GLU A 60 -2.43 -1.13 23.58
N ALA A 61 -2.14 -2.04 22.64
CA ALA A 61 -1.08 -2.99 22.79
C ALA A 61 0.27 -2.29 22.88
N CYS A 62 0.46 -1.18 22.14
CA CYS A 62 1.71 -0.45 22.21
C CYS A 62 1.85 0.20 23.56
N VAL A 63 0.77 0.86 24.01
CA VAL A 63 0.79 1.53 25.31
C VAL A 63 1.04 0.55 26.44
N LYS A 64 0.43 -0.64 26.39
CA LYS A 64 0.64 -1.69 27.42
C LYS A 64 2.12 -2.03 27.53
N GLN A 65 2.83 -2.01 26.41
CA GLN A 65 4.23 -2.39 26.36
C GLN A 65 5.17 -1.27 26.74
N GLY A 66 4.61 -0.10 27.05
CA GLY A 66 5.39 0.95 27.69
C GLY A 66 5.88 1.99 26.71
N ALA A 67 5.33 1.99 25.50
CA ALA A 67 5.68 3.01 24.49
C ALA A 67 5.44 4.43 25.02
N THR A 68 6.37 5.34 24.75
CA THR A 68 6.16 6.79 25.05
C THR A 68 5.73 7.47 23.77
N HIS A 69 6.14 6.88 22.65
CA HIS A 69 5.97 7.44 21.31
C HIS A 69 5.45 6.33 20.43
N ILE A 70 4.46 6.66 19.61
CA ILE A 70 3.90 5.69 18.66
C ILE A 70 3.89 6.31 17.27
N ALA A 71 4.56 5.65 16.34
CA ALA A 71 4.55 6.04 14.94
C ALA A 71 3.52 5.12 14.24
N VAL A 72 2.47 5.73 13.73
CA VAL A 72 1.39 5.00 13.09
C VAL A 72 1.68 5.08 11.61
N VAL A 73 1.79 3.92 10.97
CA VAL A 73 2.22 3.85 9.60
C VAL A 73 1.22 3.04 8.78
N PRO A 74 0.52 3.70 7.84
CA PRO A 74 -0.48 2.99 7.08
C PRO A 74 0.11 2.19 5.93
N LEU A 75 -0.26 0.91 5.85
CA LEU A 75 0.16 0.03 4.77
C LEU A 75 -0.85 0.19 3.63
N LEU A 76 -0.60 1.22 2.83
CA LEU A 76 -1.48 1.59 1.72
C LEU A 76 -0.60 2.08 0.58
N LEU A 77 -0.97 1.76 -0.65
CA LEU A 77 -0.19 2.23 -1.79
C LEU A 77 -0.45 3.72 -2.07
N LEU A 78 -1.65 4.20 -1.76
CA LEU A 78 -2.07 5.57 -2.16
C LEU A 78 -2.74 6.35 -1.05
N THR A 79 -2.77 7.67 -1.26
CA THR A 79 -3.33 8.64 -0.33
C THR A 79 -4.73 9.04 -0.74
N ALA A 80 -5.71 8.48 -0.06
CA ALA A 80 -7.08 8.85 -0.32
C ALA A 80 -7.81 8.77 1.00
N ALA A 81 -9.06 8.32 0.98
CA ALA A 81 -9.93 8.50 2.15
C ALA A 81 -9.39 7.78 3.37
N HIS A 82 -8.84 6.58 3.18
CA HIS A 82 -8.34 5.84 4.32
C HIS A 82 -7.18 6.57 5.02
N ALA A 83 -6.23 7.09 4.24
CA ALA A 83 -5.05 7.74 4.79
C ALA A 83 -5.38 9.10 5.35
N LYS A 84 -6.32 9.78 4.71
CA LYS A 84 -6.61 11.18 5.03
C LYS A 84 -7.73 11.36 6.02
N HIS A 85 -8.67 10.42 6.06
CA HIS A 85 -9.80 10.58 6.93
C HIS A 85 -9.98 9.41 7.89
N ASP A 86 -10.09 8.18 7.37
CA ASP A 86 -10.56 7.07 8.24
C ASP A 86 -9.51 6.69 9.27
N ILE A 87 -8.26 6.52 8.87
CA ILE A 87 -7.24 6.16 9.86
C ILE A 87 -7.02 7.29 10.88
N PRO A 88 -6.84 8.54 10.40
CA PRO A 88 -6.54 9.52 11.43
C PRO A 88 -7.69 9.77 12.41
N GLU A 89 -8.95 9.60 11.99
CA GLU A 89 -10.06 9.71 12.93
C GLU A 89 -10.06 8.58 13.94
N GLU A 90 -9.67 7.36 13.55
CA GLU A 90 -9.53 6.27 14.50
C GLU A 90 -8.34 6.55 15.42
N ILE A 91 -7.25 7.12 14.89
CA ILE A 91 -6.12 7.44 15.76
C ILE A 91 -6.51 8.53 16.76
N ALA A 92 -7.26 9.54 16.33
CA ALA A 92 -7.64 10.62 17.26
C ALA A 92 -8.46 10.07 18.43
N ARG A 93 -9.29 9.05 18.20
CA ARG A 93 -10.00 8.40 19.32
C ARG A 93 -9.01 7.83 20.31
N ALA A 94 -8.02 7.08 19.80
CA ALA A 94 -6.93 6.54 20.62
C ALA A 94 -6.17 7.63 21.38
N ALA A 95 -5.76 8.67 20.67
CA ALA A 95 -5.09 9.82 21.30
C ALA A 95 -5.88 10.43 22.47
N SER A 96 -7.21 10.53 22.33
CA SER A 96 -8.00 11.12 23.38
C SER A 96 -7.98 10.17 24.59
N ARG A 97 -7.90 8.88 24.34
CA ARG A 97 -7.86 7.89 25.43
C ARG A 97 -6.52 7.92 26.14
N TYR A 98 -5.44 8.20 25.38
CA TYR A 98 -4.07 8.14 25.88
C TYR A 98 -3.31 9.44 25.65
N PRO A 99 -3.73 10.51 26.33
CA PRO A 99 -3.19 11.84 25.99
C PRO A 99 -1.69 12.06 26.20
N SER A 100 -0.99 11.27 26.99
CA SER A 100 0.45 11.52 27.16
C SER A 100 1.33 10.81 26.13
N ILE A 101 0.74 9.93 25.31
CA ILE A 101 1.47 9.33 24.22
C ILE A 101 1.73 10.37 23.14
N ARG A 102 2.97 10.47 22.70
CA ARG A 102 3.33 11.28 21.53
C ARG A 102 3.09 10.43 20.28
N ILE A 103 2.36 10.95 19.32
CA ILE A 103 2.03 10.21 18.13
C ILE A 103 2.63 10.90 16.91
N SER A 104 3.20 10.10 16.02
CA SER A 104 3.49 10.57 14.68
C SER A 104 2.69 9.69 13.71
N TYR A 105 2.42 10.23 12.52
CA TYR A 105 1.55 9.53 11.58
C TYR A 105 2.15 9.67 10.21
N GLY A 106 2.40 8.54 9.56
CA GLY A 106 3.09 8.52 8.30
C GLY A 106 2.22 8.59 7.09
N LYS A 107 2.87 8.50 5.93
CA LYS A 107 2.23 8.60 4.65
C LYS A 107 2.19 7.24 3.99
N PRO A 108 1.22 7.03 3.09
CA PRO A 108 1.22 5.87 2.24
C PRO A 108 2.48 5.85 1.34
N ILE A 109 2.71 4.72 0.66
CA ILE A 109 3.89 4.59 -0.20
C ILE A 109 3.96 5.72 -1.21
N GLY A 110 2.86 5.94 -1.95
CA GLY A 110 2.81 6.99 -2.94
C GLY A 110 3.79 6.80 -4.10
N ILE A 111 4.33 7.91 -4.59
CA ILE A 111 5.26 7.89 -5.70
C ILE A 111 6.66 7.62 -5.14
N ASP A 112 7.19 6.43 -5.37
CA ASP A 112 8.50 6.05 -4.84
C ASP A 112 9.10 5.18 -5.90
N GLU A 113 10.34 5.46 -6.27
CA GLU A 113 10.96 4.67 -7.35
C GLU A 113 11.09 3.19 -6.98
N GLU A 114 11.07 2.87 -5.68
CA GLU A 114 11.08 1.47 -5.24
C GLU A 114 9.86 0.68 -5.71
N VAL A 115 8.69 1.31 -5.67
CA VAL A 115 7.49 0.60 -6.12
C VAL A 115 7.56 0.36 -7.62
N VAL A 116 8.13 1.31 -8.35
CA VAL A 116 8.34 1.12 -9.79
C VAL A 116 9.21 -0.13 -10.09
N LYS A 117 10.24 -0.33 -9.26
CA LYS A 117 11.08 -1.51 -9.32
C LYS A 117 10.30 -2.79 -9.08
N ALA A 118 9.33 -2.75 -8.18
CA ALA A 118 8.45 -3.92 -7.99
C ALA A 118 7.63 -4.19 -9.26
N VAL A 119 7.16 -3.14 -9.92
CA VAL A 119 6.38 -3.34 -11.13
C VAL A 119 7.21 -3.95 -12.20
N TYR A 120 8.43 -3.49 -12.34
CA TYR A 120 9.34 -4.07 -13.31
C TYR A 120 9.49 -5.55 -13.04
N HIS A 121 9.72 -5.92 -11.78
CA HIS A 121 9.97 -7.30 -11.44
C HIS A 121 8.73 -8.13 -11.77
N ARG A 122 7.54 -7.65 -11.44
CA ARG A 122 6.32 -8.42 -11.73
C ARG A 122 6.17 -8.60 -13.24
N MET A 123 6.52 -7.59 -14.01
CA MET A 123 6.46 -7.65 -15.46
C MET A 123 7.49 -8.62 -16.00
N LYS A 124 8.66 -8.65 -15.37
CA LYS A 124 9.73 -9.54 -15.81
C LYS A 124 9.41 -11.00 -15.60
N ASP A 125 8.48 -11.31 -14.72
CA ASP A 125 7.95 -12.67 -14.68
C ASP A 125 7.21 -13.08 -15.98
N ILE A 126 7.08 -12.20 -16.98
CA ILE A 126 6.60 -12.59 -18.33
C ILE A 126 7.56 -12.19 -19.45
N ALA A 133 6.31 -1.71 -26.55
CA ALA A 133 5.45 -2.38 -25.57
C ALA A 133 4.64 -1.37 -24.76
N ARG A 134 3.42 -1.71 -24.40
CA ARG A 134 2.67 -0.85 -23.49
C ARG A 134 2.37 -1.55 -22.17
N VAL A 135 2.19 -0.74 -21.14
CA VAL A 135 1.77 -1.24 -19.82
C VAL A 135 0.44 -0.62 -19.44
N VAL A 136 -0.46 -1.46 -18.97
CA VAL A 136 -1.71 -1.01 -18.43
C VAL A 136 -1.70 -1.26 -16.92
N LEU A 137 -1.80 -0.17 -16.17
CA LEU A 137 -1.68 -0.19 -14.72
C LEU A 137 -3.08 -0.04 -14.09
N ILE A 138 -3.57 -1.12 -13.50
CA ILE A 138 -4.91 -1.18 -12.95
C ILE A 138 -4.88 -1.11 -11.44
N GLY A 139 -5.64 -0.18 -10.86
CA GLY A 139 -5.72 -0.05 -9.40
C GLY A 139 -7.04 0.51 -8.91
N ARG A 140 -7.03 1.02 -7.69
CA ARG A 140 -8.24 1.54 -7.05
C ARG A 140 -8.66 2.85 -7.71
N SER A 142 -10.92 6.10 -8.47
CA SER A 142 -11.13 6.94 -7.27
C SER A 142 -11.32 8.42 -7.61
N SER A 143 -12.26 9.05 -6.92
CA SER A 143 -12.59 10.47 -7.12
C SER A 143 -11.52 11.44 -6.60
N ASP A 144 -10.74 11.03 -5.60
CA ASP A 144 -9.74 11.91 -4.98
C ASP A 144 -8.65 12.33 -5.99
N PRO A 145 -8.33 13.63 -6.06
CA PRO A 145 -7.32 14.07 -7.02
C PRO A 145 -5.90 13.62 -6.70
N ASP A 146 -5.53 13.59 -5.42
CA ASP A 146 -4.23 13.09 -4.97
C ASP A 146 -3.91 11.70 -5.50
N VAL A 147 -4.93 10.86 -5.67
CA VAL A 147 -4.77 9.55 -6.31
C VAL A 147 -4.44 9.69 -7.80
N LYS A 148 -5.03 10.67 -8.47
CA LYS A 148 -4.76 10.93 -9.88
C LYS A 148 -3.31 11.37 -10.08
N ARG A 149 -2.87 12.33 -9.27
CA ARG A 149 -1.48 12.78 -9.24
C ARG A 149 -0.51 11.60 -9.03
N ASP A 150 -0.73 10.85 -7.93
CA ASP A 150 0.11 9.70 -7.60
C ASP A 150 0.22 8.71 -8.74
N VAL A 151 -0.91 8.24 -9.25
CA VAL A 151 -0.87 7.18 -10.26
C VAL A 151 -0.25 7.67 -11.58
N THR A 152 -0.49 8.93 -11.95
CA THR A 152 0.13 9.56 -13.14
C THR A 152 1.66 9.60 -12.95
N GLY A 153 2.09 10.07 -11.77
CA GLY A 153 3.48 10.05 -11.35
C GLY A 153 4.14 8.70 -11.50
N ILE A 154 3.49 7.68 -10.96
CA ILE A 154 4.04 6.35 -10.99
C ILE A 154 4.13 5.88 -12.44
N ALA A 155 3.09 6.11 -13.22
CA ALA A 155 3.10 5.70 -14.62
C ALA A 155 4.27 6.38 -15.38
N ASN A 156 4.45 7.69 -15.16
CA ASN A 156 5.56 8.41 -15.79
C ASN A 156 6.94 7.90 -15.36
N LEU A 157 7.13 7.57 -14.08
CA LEU A 157 8.41 6.98 -13.67
C LEU A 157 8.64 5.64 -14.37
N LEU A 158 7.65 4.74 -14.31
CA LEU A 158 7.75 3.42 -14.97
C LEU A 158 8.06 3.62 -16.47
N GLN A 159 7.30 4.50 -17.08
CA GLN A 159 7.47 4.73 -18.51
C GLN A 159 8.91 5.08 -18.85
N ASN A 160 9.62 5.79 -17.98
CA ASN A 160 11.00 6.18 -18.29
C ASN A 160 12.14 5.31 -17.72
N MET A 161 11.79 4.47 -16.76
CA MET A 161 12.74 3.55 -16.13
C MET A 161 12.94 2.32 -17.01
N ILE A 162 11.96 1.97 -17.83
CA ILE A 162 12.19 1.00 -18.92
C ILE A 162 11.86 1.56 -20.32
N PRO A 163 12.31 0.89 -21.39
CA PRO A 163 12.02 1.34 -22.75
C PRO A 163 10.63 0.97 -23.31
N VAL A 164 9.58 1.08 -22.49
CA VAL A 164 8.21 0.87 -22.98
C VAL A 164 7.69 2.06 -23.80
N LYS A 165 6.74 1.78 -24.69
CA LYS A 165 6.12 2.79 -25.54
C LYS A 165 5.23 3.73 -24.71
N GLU A 166 4.37 3.17 -23.86
CA GLU A 166 3.50 3.99 -23.01
C GLU A 166 3.02 3.19 -21.80
N VAL A 167 2.59 3.91 -20.79
CA VAL A 167 1.96 3.36 -19.59
C VAL A 167 0.62 4.04 -19.43
N ILE A 168 -0.43 3.25 -19.21
CA ILE A 168 -1.79 3.75 -19.12
C ILE A 168 -2.41 3.40 -17.75
N PRO A 169 -2.52 4.37 -16.84
CA PRO A 169 -3.20 4.07 -15.57
C PRO A 169 -4.72 4.00 -15.70
N CYS A 170 -5.32 3.03 -14.98
CA CYS A 170 -6.77 2.88 -14.89
C CYS A 170 -7.22 2.82 -13.44
N PHE A 171 -7.46 3.98 -12.84
CA PHE A 171 -7.82 4.07 -11.43
C PHE A 171 -9.16 4.78 -11.30
N PRO A 177 -10.00 6.20 -15.75
CA PRO A 177 -10.71 5.38 -16.74
C PRO A 177 -11.01 3.96 -16.22
N ASN A 178 -12.25 3.51 -16.46
CA ASN A 178 -12.65 2.14 -16.12
C ASN A 178 -11.77 1.16 -16.90
N TYR A 179 -11.06 0.31 -16.16
CA TYR A 179 -10.12 -0.64 -16.74
C TYR A 179 -10.83 -1.61 -17.71
N LYS A 180 -12.07 -2.00 -17.37
CA LYS A 180 -12.87 -2.86 -18.24
C LYS A 180 -12.94 -2.31 -19.66
N GLU A 181 -13.15 -1.00 -19.79
CA GLU A 181 -13.32 -0.34 -21.10
C GLU A 181 -12.00 -0.08 -21.81
N VAL A 182 -10.93 0.16 -21.06
CA VAL A 182 -9.61 0.29 -21.64
C VAL A 182 -9.19 -1.03 -22.30
N LEU A 183 -9.52 -2.16 -21.66
CA LEU A 183 -9.28 -3.50 -22.22
C LEU A 183 -10.13 -3.79 -23.48
N SER A 184 -11.35 -3.24 -23.53
CA SER A 184 -12.23 -3.37 -24.71
C SER A 184 -11.65 -2.63 -25.94
N GLU A 185 -10.93 -1.52 -25.69
CA GLU A 185 -10.22 -0.76 -26.73
C GLU A 185 -8.86 -1.40 -27.03
N VAL A 192 1.56 -4.66 -31.00
CA VAL A 192 2.05 -4.08 -29.74
C VAL A 192 1.65 -4.96 -28.55
N THR A 193 2.65 -5.42 -27.81
CA THR A 193 2.46 -6.25 -26.64
C THR A 193 1.99 -5.38 -25.47
N THR A 194 1.03 -5.89 -24.69
CA THR A 194 0.48 -5.15 -23.55
C THR A 194 0.61 -5.96 -22.25
N PHE A 195 1.21 -5.34 -21.24
CA PHE A 195 1.30 -5.91 -19.92
C PHE A 195 0.18 -5.29 -19.11
N VAL A 196 -0.61 -6.10 -18.42
CA VAL A 196 -1.57 -5.59 -17.47
C VAL A 196 -0.96 -5.89 -16.12
N VAL A 197 -0.68 -4.83 -15.38
CA VAL A 197 -0.13 -4.93 -14.05
C VAL A 197 -1.14 -4.41 -13.03
N PRO A 198 -1.69 -5.31 -12.22
CA PRO A 198 -2.54 -4.85 -11.14
C PRO A 198 -1.74 -4.18 -10.04
N TYR A 199 -2.04 -2.91 -9.80
CA TYR A 199 -1.37 -2.12 -8.81
C TYR A 199 -2.09 -2.33 -7.48
N LEU A 200 -1.88 -3.49 -6.88
CA LEU A 200 -2.65 -3.91 -5.73
C LEU A 200 -1.71 -4.64 -4.83
N LEU A 201 -1.85 -4.40 -3.52
CA LEU A 201 -1.03 -5.09 -2.53
C LEU A 201 -1.48 -6.52 -2.29
N PHE A 202 -2.77 -6.76 -2.44
CA PHE A 202 -3.24 -8.11 -2.21
C PHE A 202 -4.45 -8.50 -3.03
N THR A 203 -4.67 -9.79 -3.05
CA THR A 203 -5.70 -10.34 -3.89
C THR A 203 -7.07 -10.10 -3.29
N GLY A 204 -8.08 -10.38 -4.09
CA GLY A 204 -9.45 -10.25 -3.63
C GLY A 204 -10.34 -10.17 -4.84
N MET A 205 -11.53 -9.61 -4.64
CA MET A 205 -12.53 -9.59 -5.69
C MET A 205 -12.06 -8.79 -6.90
N LEU A 206 -11.50 -7.60 -6.69
CA LEU A 206 -11.05 -6.80 -7.82
C LEU A 206 -10.02 -7.58 -8.63
N MET A 207 -9.05 -8.16 -7.93
CA MET A 207 -8.05 -8.98 -8.59
C MET A 207 -8.65 -10.16 -9.36
N ASN A 208 -9.68 -10.80 -8.80
CA ASN A 208 -10.39 -11.89 -9.47
C ASN A 208 -11.16 -11.38 -10.70
N GLU A 209 -11.68 -10.15 -10.63
CA GLU A 209 -12.37 -9.56 -11.80
C GLU A 209 -11.38 -9.29 -12.93
N ILE A 210 -10.25 -8.69 -12.59
CA ILE A 210 -9.21 -8.36 -13.59
C ILE A 210 -8.69 -9.61 -14.29
N GLU A 211 -8.42 -10.63 -13.48
CA GLU A 211 -7.93 -11.92 -13.93
C GLU A 211 -8.93 -12.50 -14.94
N ARG A 212 -10.23 -12.38 -14.63
CA ARG A 212 -11.28 -12.84 -15.52
C ARG A 212 -11.39 -12.05 -16.84
N GLU A 213 -11.28 -10.73 -16.76
CA GLU A 213 -11.51 -9.86 -17.93
C GLU A 213 -10.34 -9.94 -18.90
N VAL A 214 -9.12 -9.99 -18.36
CA VAL A 214 -7.95 -10.23 -19.19
C VAL A 214 -8.03 -11.63 -19.81
N GLN A 215 -8.43 -12.62 -19.01
CA GLN A 215 -8.57 -14.01 -19.47
C GLN A 215 -9.46 -14.10 -20.71
N THR A 216 -10.60 -13.42 -20.68
CA THR A 216 -11.51 -13.38 -21.83
C THR A 216 -10.88 -12.56 -22.98
N LEU A 217 -10.23 -11.45 -22.65
CA LEU A 217 -9.60 -10.58 -23.65
C LEU A 217 -8.47 -11.26 -24.43
N LYS A 218 -7.79 -12.23 -23.80
CA LYS A 218 -6.69 -12.97 -24.44
C LYS A 218 -7.11 -13.71 -25.70
N ALA A 219 -8.37 -14.16 -25.75
CA ALA A 219 -8.91 -14.79 -26.94
C ALA A 219 -9.03 -13.79 -28.09
N ASP A 220 -9.34 -12.53 -27.78
CA ASP A 220 -9.51 -11.49 -28.79
C ASP A 220 -8.20 -10.78 -29.17
N ASN A 221 -7.27 -10.68 -28.22
CA ASN A 221 -5.96 -10.09 -28.49
C ASN A 221 -4.89 -10.93 -27.76
N PRO A 222 -4.15 -11.74 -28.52
CA PRO A 222 -3.17 -12.64 -27.90
C PRO A 222 -1.92 -11.92 -27.35
N ASN A 223 -1.68 -10.67 -27.75
CA ASN A 223 -0.53 -9.90 -27.23
C ASN A 223 -0.85 -9.11 -25.96
N VAL A 224 -1.77 -9.63 -25.14
CA VAL A 224 -2.02 -9.07 -23.82
C VAL A 224 -1.63 -10.04 -22.72
N TYR A 225 -0.81 -9.59 -21.79
CA TYR A 225 -0.24 -10.44 -20.74
C TYR A 225 -0.52 -9.86 -19.36
N LEU A 226 -1.05 -10.68 -18.46
CA LEU A 226 -1.41 -10.21 -17.12
C LEU A 226 -0.31 -10.62 -16.16
N SER A 227 0.26 -9.66 -15.46
CA SER A 227 1.20 -9.98 -14.43
C SER A 227 0.46 -10.25 -13.11
N SER A 228 1.18 -10.77 -12.12
CA SER A 228 0.62 -10.86 -10.78
C SER A 228 0.60 -9.46 -10.20
N TYR A 229 -0.17 -9.30 -9.14
CA TYR A 229 -0.32 -8.02 -8.49
C TYR A 229 1.01 -7.62 -7.89
N ILE A 230 1.26 -6.35 -7.66
CA ILE A 230 2.57 -6.01 -7.11
C ILE A 230 2.78 -6.66 -5.74
N GLY A 231 1.73 -6.71 -4.94
CA GLY A 231 1.81 -7.39 -3.68
C GLY A 231 2.95 -6.88 -2.79
N PHE A 232 3.51 -7.80 -2.02
CA PHE A 232 4.52 -7.45 -1.05
C PHE A 232 5.88 -7.88 -1.60
N HIS A 233 6.17 -7.42 -2.81
CA HIS A 233 7.49 -7.57 -3.39
C HIS A 233 8.53 -6.94 -2.47
N PRO A 234 9.70 -7.51 -2.39
CA PRO A 234 10.76 -6.87 -1.60
C PRO A 234 10.96 -5.35 -1.82
N HIS A 235 10.79 -4.87 -3.06
CA HIS A 235 10.89 -3.42 -3.33
C HIS A 235 9.71 -2.67 -2.72
N VAL A 236 8.55 -3.29 -2.63
CA VAL A 236 7.46 -2.71 -1.88
C VAL A 236 7.78 -2.62 -0.38
N LYS A 237 8.28 -3.71 0.18
CA LYS A 237 8.81 -3.67 1.52
C LYS A 237 9.83 -2.55 1.74
N ASN A 238 10.78 -2.39 0.83
CA ASN A 238 11.76 -1.27 0.94
C ASN A 238 11.04 0.08 1.07
N ALA A 239 10.07 0.27 0.20
CA ALA A 239 9.33 1.52 0.12
C ALA A 239 8.55 1.71 1.43
N PHE A 240 7.88 0.68 1.91
CA PHE A 240 7.17 0.76 3.17
C PHE A 240 8.09 1.11 4.34
N LEU A 241 9.22 0.42 4.42
CA LEU A 241 10.15 0.61 5.50
C LEU A 241 10.76 2.00 5.53
N ASN A 242 10.90 2.63 4.35
CA ASN A 242 11.30 4.04 4.26
C ASN A 242 10.22 4.91 4.94
N ARG A 243 8.95 4.57 4.73
CA ARG A 243 7.85 5.27 5.43
C ARG A 243 7.88 5.07 6.93
N VAL A 244 8.06 3.82 7.34
CA VAL A 244 8.16 3.53 8.75
C VAL A 244 9.27 4.37 9.38
N ARG A 245 10.45 4.33 8.77
CA ARG A 245 11.63 4.95 9.38
C ARG A 245 11.50 6.47 9.50
N GLU A 246 11.01 7.13 8.45
CA GLU A 246 10.86 8.59 8.50
C GLU A 246 9.78 8.99 9.53
N THR A 247 8.74 8.17 9.66
CA THR A 247 7.67 8.42 10.61
C THR A 247 8.14 8.27 12.08
N ALA A 248 8.93 7.23 12.35
CA ALA A 248 9.51 6.99 13.65
C ALA A 248 10.61 8.02 13.98
N GLU A 249 11.48 8.33 13.02
CA GLU A 249 12.47 9.39 13.20
C GLU A 249 11.81 10.76 13.36
N ASN A 250 10.77 11.03 12.55
CA ASN A 250 9.98 12.25 12.67
C ASN A 250 10.85 13.52 12.64
N PRO A 251 11.53 13.75 11.52
CA PRO A 251 12.42 14.86 11.35
C PRO A 251 11.68 16.23 11.41
N GLU A 252 12.19 17.11 12.27
CA GLU A 252 11.61 18.46 12.49
C GLU A 252 10.13 18.40 12.94
N GLY A 253 9.72 17.27 13.51
CA GLY A 253 8.32 17.04 13.87
C GLY A 253 7.34 17.05 12.69
N GLN A 254 7.82 16.84 11.47
CA GLN A 254 6.90 16.95 10.34
C GLN A 254 5.82 15.87 10.26
N PHE A 255 5.98 14.79 11.02
CA PHE A 255 4.98 13.73 11.09
C PHE A 255 4.19 13.74 12.40
N ASP A 256 4.35 14.80 13.20
CA ASP A 256 3.53 14.99 14.39
C ASP A 256 2.01 14.86 14.12
N PHE A 257 1.33 14.09 14.96
CA PHE A 257 -0.09 13.93 14.82
C PHE A 257 -0.77 14.55 16.02
N ASP A 258 -1.77 15.39 15.77
CA ASP A 258 -2.51 16.05 16.84
C ASP A 258 -3.74 15.23 17.26
CO CO B . -10.93 0.32 1.44
CO CO C . -15.07 12.31 9.77
#